data_2V35
#
_entry.id   2V35
#
_cell.length_a   50.246
_cell.length_b   57.938
_cell.length_c   74.688
_cell.angle_alpha   90.00
_cell.angle_beta   90.00
_cell.angle_gamma   90.00
#
_symmetry.space_group_name_H-M   'P 21 21 21'
#
loop_
_entity.id
_entity.type
_entity.pdbx_description
1 polymer ELASTASE-1
2 non-polymer '(2R)-3-{[(BENZYLAMINO)CARBONYL]AMINO}-2-HYDROXYPROPANOIC ACID'
3 non-polymer 'SODIUM ION'
4 non-polymer 'SULFATE ION'
5 non-polymer GLYCEROL
6 water water
#
_entity_poly.entity_id   1
_entity_poly.type   'polypeptide(L)'
_entity_poly.pdbx_seq_one_letter_code
;VVGGTEAQRNSWPSQISLQYRSGSSWAHTCGGTLIRQNWVMTAAHCVDRELTFRVVVGEHNLNQNDGTEQYVGVQKIVVH
PYWNTDDVAAGYDIALLRLAQSVTLNSYVQLGVLPRAGTILANNSPCYITGWGLTRTNGQLAQTLQQAYLPTVDYAICSS
SSYWGSTVKNSMVCAGGDGVRSGCQGDSGGPLHCLVNGQYAVHGVTSFVSRLGCNVTRKPTVFTRVSAYISWINNVIASN
;
_entity_poly.pdbx_strand_id   A
#
loop_
_chem_comp.id
_chem_comp.type
_chem_comp.name
_chem_comp.formula
GOL non-polymer GLYCEROL 'C3 H8 O3'
J54 non-polymer '(2R)-3-{[(BENZYLAMINO)CARBONYL]AMINO}-2-HYDROXYPROPANOIC ACID' 'C11 H14 N2 O4'
NA non-polymer 'SODIUM ION' 'Na 1'
SO4 non-polymer 'SULFATE ION' 'O4 S -2'
#
# COMPACT_ATOMS: atom_id res chain seq x y z
N VAL A 1 7.80 -6.14 -4.73
CA VAL A 1 8.82 -5.06 -4.86
C VAL A 1 9.98 -5.55 -5.70
N VAL A 2 10.24 -4.87 -6.82
CA VAL A 2 11.37 -5.17 -7.69
C VAL A 2 12.55 -4.34 -7.20
N GLY A 3 13.74 -4.94 -7.12
CA GLY A 3 14.95 -4.23 -6.69
C GLY A 3 14.93 -3.79 -5.23
N GLY A 4 14.23 -4.57 -4.42
CA GLY A 4 14.15 -4.32 -2.98
C GLY A 4 15.26 -4.98 -2.20
N THR A 5 15.26 -4.70 -0.90
CA THR A 5 16.09 -5.41 0.07
C THR A 5 15.16 -5.93 1.16
N GLU A 6 15.58 -6.96 1.91
CA GLU A 6 14.74 -7.46 2.99
C GLU A 6 14.64 -6.44 4.12
N ALA A 7 13.40 -6.10 4.49
CA ALA A 7 13.15 -5.19 5.62
C ALA A 7 13.59 -5.90 6.92
N GLN A 8 14.12 -5.12 7.86
CA GLN A 8 14.28 -5.61 9.23
C GLN A 8 12.88 -5.91 9.80
N ARG A 9 12.79 -6.92 10.65
CA ARG A 9 11.55 -7.42 11.25
C ARG A 9 10.68 -6.33 11.91
N ASN A 10 11.32 -5.31 12.45
CA ASN A 10 10.58 -4.29 13.19
C ASN A 10 10.63 -2.89 12.56
N SER A 11 10.97 -2.80 11.28
CA SER A 11 11.03 -1.48 10.64
C SER A 11 9.69 -0.81 10.32
N TRP A 12 8.75 -1.63 9.89
CA TRP A 12 7.48 -1.15 9.32
C TRP A 12 6.31 -1.88 9.98
N PRO A 13 6.13 -1.66 11.29
CA PRO A 13 5.15 -2.44 12.04
C PRO A 13 3.68 -2.17 11.68
N SER A 14 3.39 -1.15 10.87
CA SER A 14 2.01 -0.93 10.41
C SER A 14 1.68 -1.70 9.13
N GLN A 15 2.68 -2.28 8.48
CA GLN A 15 2.42 -3.08 7.26
C GLN A 15 1.63 -4.34 7.60
N ILE A 16 0.59 -4.61 6.82
CA ILE A 16 -0.17 -5.85 6.94
C ILE A 16 -0.18 -6.63 5.62
N SER A 17 -0.48 -7.93 5.73
CA SER A 17 -0.73 -8.78 4.57
C SER A 17 -2.23 -9.03 4.48
N LEU A 18 -2.81 -8.64 3.34
CA LEU A 18 -4.23 -8.89 3.08
C LEU A 18 -4.30 -10.17 2.27
N GLN A 19 -5.05 -11.15 2.79
CA GLN A 19 -5.05 -12.50 2.22
C GLN A 19 -6.46 -12.94 1.95
N TYR A 20 -6.62 -13.85 0.97
CA TYR A 20 -7.93 -14.45 0.71
C TYR A 20 -7.89 -15.96 0.84
N ARG A 21 -9.05 -16.54 1.17
CA ARG A 21 -9.14 -17.98 1.34
C ARG A 21 -9.15 -18.65 -0.04
N SER A 22 -8.30 -19.66 -0.18
CA SER A 22 -8.05 -20.34 -1.44
C SER A 22 -7.97 -21.83 -1.08
N GLY A 23 -9.04 -22.56 -1.39
CA GLY A 23 -9.19 -23.95 -0.92
C GLY A 23 -9.05 -24.08 0.59
N SER A 24 -8.04 -24.84 1.02
CA SER A 24 -7.78 -25.08 2.45
C SER A 24 -6.70 -24.16 2.99
N SER A 25 -6.26 -23.21 2.16
CA SER A 25 -5.18 -22.32 2.54
C SER A 25 -5.57 -20.85 2.33
N TRP A 26 -4.62 -19.98 2.65
CA TRP A 26 -4.79 -18.54 2.47
C TRP A 26 -3.71 -18.04 1.52
N ALA A 27 -4.05 -17.09 0.66
CA ALA A 27 -3.09 -16.57 -0.31
C ALA A 27 -2.94 -15.07 -0.12
N HIS A 28 -1.69 -14.60 -0.04
CA HIS A 28 -1.43 -13.16 -0.01
C HIS A 28 -1.89 -12.52 -1.31
N THR A 29 -2.67 -11.44 -1.22
CA THR A 29 -3.07 -10.71 -2.43
C THR A 29 -2.66 -9.22 -2.50
N CYS A 30 -2.57 -8.57 -1.35
CA CYS A 30 -2.28 -7.15 -1.28
C CYS A 30 -1.66 -6.77 0.03
N GLY A 31 -1.09 -5.58 0.08
CA GLY A 31 -0.69 -5.01 1.36
C GLY A 31 -1.80 -4.12 1.89
N GLY A 32 -1.52 -3.55 3.04
CA GLY A 32 -2.38 -2.59 3.71
C GLY A 32 -1.61 -1.94 4.84
N THR A 33 -2.24 -0.96 5.48
CA THR A 33 -1.63 -0.26 6.61
C THR A 33 -2.61 -0.30 7.78
N LEU A 34 -2.14 -0.75 8.93
CA LEU A 34 -2.98 -0.73 10.14
C LEU A 34 -3.09 0.73 10.57
N ILE A 35 -4.31 1.26 10.62
CA ILE A 35 -4.50 2.67 11.04
C ILE A 35 -5.25 2.86 12.37
N ARG A 36 -6.01 1.84 12.78
CA ARG A 36 -6.57 1.73 14.15
C ARG A 36 -6.38 0.28 14.57
N GLN A 37 -6.53 -0.02 15.85
CA GLN A 37 -6.42 -1.42 16.25
C GLN A 37 -7.40 -2.34 15.53
N ASN A 38 -8.50 -1.77 15.01
CA ASN A 38 -9.48 -2.57 14.27
C ASN A 38 -9.80 -2.03 12.87
N TRP A 39 -8.88 -1.23 12.30
CA TRP A 39 -9.07 -0.73 10.93
C TRP A 39 -7.78 -0.77 10.12
N VAL A 40 -7.93 -1.24 8.89
CA VAL A 40 -6.83 -1.28 7.91
C VAL A 40 -7.18 -0.46 6.68
N MET A 41 -6.20 0.32 6.22
CA MET A 41 -6.30 1.09 4.98
C MET A 41 -5.61 0.32 3.87
N THR A 42 -6.34 0.10 2.78
CA THR A 42 -5.81 -0.61 1.61
C THR A 42 -6.31 0.04 0.31
N ALA A 43 -6.04 -0.61 -0.83
CA ALA A 43 -6.55 -0.12 -2.13
C ALA A 43 -7.93 -0.71 -2.39
N ALA A 44 -8.82 0.12 -2.94
CA ALA A 44 -10.14 -0.36 -3.35
C ALA A 44 -10.03 -1.54 -4.29
N HIS A 45 -9.10 -1.49 -5.25
CA HIS A 45 -9.04 -2.56 -6.25
C HIS A 45 -8.67 -3.92 -5.66
N CYS A 46 -8.05 -3.90 -4.48
CA CYS A 46 -7.67 -5.15 -3.79
C CYS A 46 -8.88 -5.92 -3.32
N VAL A 47 -9.98 -5.23 -3.12
CA VAL A 47 -11.18 -5.87 -2.60
C VAL A 47 -12.36 -5.84 -3.60
N ASP A 48 -12.08 -5.71 -4.90
CA ASP A 48 -13.16 -5.76 -5.94
C ASP A 48 -13.78 -7.15 -5.96
N ARG A 49 -12.94 -8.19 -5.78
CA ARG A 49 -13.44 -9.57 -5.87
C ARG A 49 -14.24 -9.97 -4.61
N GLU A 50 -15.25 -10.81 -4.82
CA GLU A 50 -16.16 -11.24 -3.75
C GLU A 50 -15.56 -12.38 -2.91
N LEU A 51 -14.38 -12.14 -2.33
CA LEU A 51 -13.63 -13.19 -1.64
C LEU A 51 -13.75 -13.11 -0.13
N THR A 52 -13.30 -14.16 0.55
CA THR A 52 -13.17 -14.12 2.00
C THR A 52 -11.77 -13.62 2.33
N PHE A 53 -11.69 -12.50 3.05
CA PHE A 53 -10.41 -11.85 3.33
C PHE A 53 -10.05 -11.96 4.80
N ARG A 54 -8.74 -12.06 5.07
CA ARG A 54 -8.23 -11.87 6.42
C ARG A 54 -7.03 -10.95 6.36
N VAL A 55 -6.70 -10.39 7.51
CA VAL A 55 -5.52 -9.54 7.66
C VAL A 55 -4.54 -10.24 8.57
N VAL A 56 -3.26 -10.18 8.21
CA VAL A 56 -2.22 -10.65 9.12
C VAL A 56 -1.36 -9.45 9.52
N VAL A 57 -1.28 -9.20 10.83
CA VAL A 57 -0.39 -8.18 11.36
C VAL A 57 0.80 -8.90 12.00
N GLY A 58 1.93 -8.20 12.17
CA GLY A 58 3.15 -8.82 12.72
C GLY A 58 3.68 -9.92 11.82
N GLU A 59 3.42 -9.77 10.53
CA GLU A 59 3.86 -10.73 9.53
C GLU A 59 5.20 -10.30 8.93
N HIS A 60 6.15 -11.24 8.84
CA HIS A 60 7.41 -10.95 8.15
C HIS A 60 7.67 -11.88 6.97
N ASN A 61 7.50 -13.18 7.22
CA ASN A 61 7.69 -14.19 6.20
C ASN A 61 6.37 -14.87 5.93
N LEU A 62 5.87 -14.78 4.70
CA LEU A 62 4.56 -15.34 4.37
C LEU A 62 4.49 -16.84 4.56
N ASN A 63 5.66 -17.49 4.51
CA ASN A 63 5.73 -18.94 4.40
C ASN A 63 6.36 -19.65 5.61
N GLN A 64 6.67 -18.88 6.64
CA GLN A 64 7.30 -19.41 7.87
C GLN A 64 6.71 -18.79 9.12
N ASN A 65 6.66 -19.56 10.21
CA ASN A 65 6.22 -19.01 11.50
C ASN A 65 7.23 -17.98 12.00
N ASP A 66 6.77 -16.74 12.13
CA ASP A 66 7.60 -15.66 12.67
C ASP A 66 7.53 -15.58 14.20
N GLY A 67 6.49 -16.18 14.77
CA GLY A 67 6.25 -16.09 16.21
C GLY A 67 5.67 -14.77 16.66
N THR A 68 5.24 -13.94 15.71
CA THR A 68 4.76 -12.59 16.00
C THR A 68 3.41 -12.26 15.35
N GLU A 69 2.89 -13.19 14.54
CA GLU A 69 1.69 -12.94 13.74
C GLU A 69 0.40 -12.91 14.57
N GLN A 70 -0.53 -12.05 14.16
CA GLN A 70 -1.94 -12.15 14.59
C GLN A 70 -2.80 -12.18 13.32
N TYR A 71 -3.72 -13.13 13.26
CA TYR A 71 -4.57 -13.36 12.10
C TYR A 71 -5.98 -12.93 12.48
N VAL A 72 -6.60 -12.09 11.65
CA VAL A 72 -7.90 -11.50 11.99
C VAL A 72 -8.81 -11.39 10.77
N GLY A 73 -10.08 -11.77 10.93
CA GLY A 73 -11.02 -11.71 9.82
C GLY A 73 -11.38 -10.27 9.51
N VAL A 74 -11.80 -10.04 8.27
CA VAL A 74 -12.30 -8.74 7.84
C VAL A 74 -13.83 -8.76 8.00
N GLN A 75 -14.33 -7.84 8.83
CA GLN A 75 -15.73 -7.79 9.23
C GLN A 75 -16.57 -6.89 8.31
N LYS A 76 -15.98 -5.81 7.82
CA LYS A 76 -16.70 -4.85 7.00
C LYS A 76 -15.72 -4.20 6.04
N ILE A 77 -16.18 -4.00 4.80
CA ILE A 77 -15.35 -3.35 3.79
C ILE A 77 -16.04 -2.09 3.32
N VAL A 78 -15.36 -0.95 3.48
CA VAL A 78 -15.87 0.33 2.99
C VAL A 78 -14.96 0.86 1.90
N VAL A 79 -15.40 0.74 0.66
CA VAL A 79 -14.66 1.26 -0.49
C VAL A 79 -15.03 2.72 -0.70
N HIS A 80 -14.09 3.54 -1.18
CA HIS A 80 -14.45 4.91 -1.52
C HIS A 80 -15.63 4.91 -2.51
N PRO A 81 -16.69 5.66 -2.18
CA PRO A 81 -17.89 5.65 -3.05
C PRO A 81 -17.68 6.10 -4.50
N TYR A 82 -16.59 6.80 -4.81
CA TYR A 82 -16.31 7.20 -6.18
C TYR A 82 -15.42 6.22 -6.97
N TRP A 83 -14.95 5.17 -6.30
CA TRP A 83 -14.12 4.14 -6.95
C TRP A 83 -14.86 3.47 -8.11
N ASN A 84 -14.15 3.32 -9.23
CA ASN A 84 -14.69 2.62 -10.39
C ASN A 84 -13.63 1.62 -10.86
N THR A 85 -13.93 0.33 -10.74
CA THR A 85 -12.95 -0.72 -11.06
C THR A 85 -12.35 -0.67 -12.48
N ASP A 86 -13.13 -0.19 -13.45
CA ASP A 86 -12.66 -0.12 -14.84
C ASP A 86 -11.96 1.19 -15.17
N ASP A 87 -11.65 1.98 -14.14
CA ASP A 87 -11.05 3.30 -14.32
C ASP A 87 -10.12 3.63 -13.16
N VAL A 88 -9.03 2.87 -13.01
CA VAL A 88 -8.07 3.11 -11.92
C VAL A 88 -7.43 4.49 -12.04
N ALA A 89 -7.31 4.97 -13.28
CA ALA A 89 -6.72 6.29 -13.56
C ALA A 89 -7.52 7.46 -13.01
N ALA A 90 -8.82 7.22 -12.75
CA ALA A 90 -9.69 8.26 -12.15
C ALA A 90 -9.32 8.53 -10.70
N GLY A 91 -8.69 7.55 -10.07
CA GLY A 91 -8.33 7.66 -8.65
C GLY A 91 -9.34 6.99 -7.73
N TYR A 92 -9.37 7.44 -6.48
CA TYR A 92 -10.28 6.92 -5.45
C TYR A 92 -9.94 5.48 -5.09
N ASP A 93 -8.69 5.05 -5.38
CA ASP A 93 -8.29 3.66 -5.12
C ASP A 93 -7.92 3.48 -3.66
N ILE A 94 -8.94 3.43 -2.82
CA ILE A 94 -8.71 3.36 -1.37
C ILE A 94 -9.94 2.73 -0.72
N ALA A 95 -9.70 1.94 0.30
CA ALA A 95 -10.78 1.25 1.04
C ALA A 95 -10.34 1.09 2.48
N LEU A 96 -11.32 1.04 3.37
CA LEU A 96 -11.05 0.76 4.78
C LEU A 96 -11.68 -0.57 5.17
N LEU A 97 -10.93 -1.35 5.93
CA LEU A 97 -11.40 -2.66 6.37
C LEU A 97 -11.55 -2.66 7.88
N ARG A 98 -12.76 -2.91 8.38
CA ARG A 98 -12.94 -3.04 9.82
C ARG A 98 -12.68 -4.50 10.19
N LEU A 99 -11.79 -4.71 11.14
CA LEU A 99 -11.35 -6.05 11.54
C LEU A 99 -12.34 -6.64 12.54
N ALA A 100 -12.45 -7.97 12.55
CA ALA A 100 -13.42 -8.64 13.46
C ALA A 100 -13.00 -8.56 14.95
N GLN A 101 -11.71 -8.37 15.19
CA GLN A 101 -11.18 -8.18 16.52
C GLN A 101 -10.15 -7.05 16.47
N SER A 102 -9.93 -6.39 17.61
CA SER A 102 -8.87 -5.40 17.72
C SER A 102 -7.55 -6.10 18.01
N VAL A 103 -6.56 -5.85 17.16
CA VAL A 103 -5.24 -6.43 17.35
C VAL A 103 -4.48 -5.80 18.52
N THR A 104 -3.52 -6.55 19.04
CA THR A 104 -2.69 -6.12 20.13
C THR A 104 -1.42 -5.46 19.59
N LEU A 105 -1.10 -4.27 20.09
CA LEU A 105 0.09 -3.55 19.65
C LEU A 105 1.37 -3.95 20.37
N ASN A 106 2.47 -3.98 19.63
CA ASN A 106 3.79 -4.30 20.15
C ASN A 106 4.84 -3.85 19.14
N SER A 107 6.10 -4.27 19.27
CA SER A 107 7.13 -3.76 18.36
C SER A 107 6.91 -4.19 16.90
N TYR A 108 6.08 -5.22 16.69
CA TYR A 108 5.79 -5.73 15.34
C TYR A 108 4.45 -5.26 14.79
N VAL A 109 3.65 -4.62 15.63
CA VAL A 109 2.28 -4.26 15.30
C VAL A 109 2.01 -2.87 15.85
N GLN A 110 1.97 -1.87 14.97
CA GLN A 110 1.77 -0.48 15.40
C GLN A 110 0.87 0.21 14.39
N LEU A 111 0.23 1.29 14.81
CA LEU A 111 -0.57 2.08 13.87
C LEU A 111 0.31 2.92 12.94
N GLY A 112 -0.06 2.98 11.67
CA GLY A 112 0.63 3.83 10.71
C GLY A 112 0.28 5.29 10.98
N VAL A 113 1.28 6.17 10.92
CA VAL A 113 1.08 7.60 11.07
C VAL A 113 0.66 8.16 9.71
N LEU A 114 -0.43 8.93 9.65
CA LEU A 114 -0.89 9.50 8.39
C LEU A 114 -0.48 10.97 8.32
N PRO A 115 -0.26 11.50 7.11
CA PRO A 115 0.12 12.91 7.01
C PRO A 115 -1.04 13.83 7.33
N ARG A 116 -0.73 15.09 7.62
CA ARG A 116 -1.78 16.09 7.75
C ARG A 116 -2.48 16.27 6.40
N ALA A 117 -3.78 16.52 6.45
CA ALA A 117 -4.57 16.76 5.24
C ALA A 117 -3.95 17.81 4.34
N GLY A 118 -3.89 17.52 3.05
CA GLY A 118 -3.41 18.48 2.05
C GLY A 118 -1.91 18.43 1.81
N THR A 119 -1.18 17.67 2.62
CA THR A 119 0.30 17.65 2.50
C THR A 119 0.76 17.13 1.13
N ILE A 120 1.59 17.92 0.44
CA ILE A 120 2.20 17.51 -0.82
C ILE A 120 3.71 17.49 -0.65
N LEU A 121 4.34 16.39 -1.03
CA LEU A 121 5.78 16.25 -0.88
C LEU A 121 6.55 16.97 -1.99
N ALA A 122 7.66 17.61 -1.60
CA ALA A 122 8.56 18.21 -2.59
C ALA A 122 9.06 17.11 -3.53
N ASN A 123 9.33 17.47 -4.78
CA ASN A 123 9.91 16.52 -5.72
C ASN A 123 11.14 15.85 -5.11
N ASN A 124 11.33 14.56 -5.41
CA ASN A 124 12.49 13.79 -4.95
C ASN A 124 12.56 13.60 -3.43
N SER A 125 11.40 13.62 -2.76
CA SER A 125 11.35 13.36 -1.32
C SER A 125 11.67 11.90 -1.00
N PRO A 126 12.43 11.63 0.09
CA PRO A 126 12.80 10.26 0.43
C PRO A 126 11.63 9.40 0.94
N CYS A 127 11.37 8.28 0.25
CA CYS A 127 10.32 7.34 0.63
C CYS A 127 10.77 5.90 0.40
N TYR A 128 10.15 4.98 1.14
CA TYR A 128 10.30 3.55 0.89
C TYR A 128 8.93 2.94 0.61
N ILE A 129 8.87 2.11 -0.43
CA ILE A 129 7.74 1.20 -0.60
C ILE A 129 8.05 -0.11 0.14
N THR A 130 7.03 -0.71 0.75
CA THR A 130 7.22 -2.03 1.34
C THR A 130 6.16 -3.01 0.86
N GLY A 131 6.52 -4.29 0.83
CA GLY A 131 5.51 -5.29 0.48
C GLY A 131 6.07 -6.64 0.11
N TRP A 132 5.15 -7.59 -0.07
CA TRP A 132 5.52 -8.96 -0.48
C TRP A 132 5.25 -9.21 -1.96
N GLY A 133 5.08 -8.15 -2.73
CA GLY A 133 4.72 -8.27 -4.15
C GLY A 133 5.82 -8.90 -4.99
N LEU A 134 5.50 -9.17 -6.25
CA LEU A 134 6.48 -9.76 -7.19
C LEU A 134 7.83 -9.06 -7.13
N THR A 135 8.90 -9.87 -7.18
CA THR A 135 10.27 -9.34 -7.14
C THR A 135 10.84 -9.10 -8.54
N ARG A 136 10.08 -9.55 -9.54
CA ARG A 136 10.34 -9.22 -10.94
C ARG A 136 8.98 -9.18 -11.63
N THR A 137 8.91 -8.23 -12.85
CA THR A 137 7.73 -8.30 -13.68
C THR A 137 7.47 -9.76 -14.04
N ASN A 138 6.23 -10.20 -13.88
CA ASN A 138 5.86 -11.60 -14.18
C ASN A 138 6.66 -12.63 -13.39
N GLY A 139 7.15 -12.23 -12.21
CA GLY A 139 7.89 -13.12 -11.32
C GLY A 139 6.97 -13.72 -10.27
N GLN A 140 7.50 -13.85 -9.06
CA GLN A 140 6.74 -14.41 -7.96
C GLN A 140 6.83 -13.56 -6.71
N LEU A 141 5.87 -13.74 -5.81
CA LEU A 141 5.88 -13.02 -4.54
C LEU A 141 7.17 -13.25 -3.76
N ALA A 142 7.56 -12.22 -3.02
CA ALA A 142 8.62 -12.37 -2.00
C ALA A 142 8.12 -13.25 -0.86
N GLN A 143 9.05 -13.98 -0.23
CA GLN A 143 8.75 -14.66 1.02
C GLN A 143 8.83 -13.67 2.16
N THR A 144 9.91 -12.89 2.22
CA THR A 144 10.13 -11.94 3.30
C THR A 144 9.74 -10.53 2.87
N LEU A 145 9.23 -9.73 3.81
CA LEU A 145 8.85 -8.35 3.49
C LEU A 145 10.03 -7.59 2.86
N GLN A 146 9.78 -6.95 1.73
CA GLN A 146 10.81 -6.18 1.01
C GLN A 146 10.58 -4.68 1.13
N GLN A 147 11.65 -3.91 1.01
CA GLN A 147 11.56 -2.45 0.93
C GLN A 147 12.39 -1.96 -0.24
N ALA A 148 11.98 -0.88 -0.88
CA ALA A 148 12.82 -0.25 -1.91
C ALA A 148 12.73 1.24 -1.75
N TYR A 149 13.86 1.91 -1.95
CA TYR A 149 13.94 3.35 -1.86
C TYR A 149 13.35 3.93 -3.15
N LEU A 150 12.26 4.68 -3.02
CA LEU A 150 11.55 5.26 -4.17
C LEU A 150 11.27 6.72 -3.90
N PRO A 151 12.15 7.63 -4.35
CA PRO A 151 11.93 9.07 -4.11
C PRO A 151 10.73 9.55 -4.92
N THR A 152 10.01 10.53 -4.40
CA THR A 152 8.82 11.00 -5.11
C THR A 152 9.18 11.69 -6.43
N VAL A 153 8.19 11.67 -7.33
CA VAL A 153 8.24 12.41 -8.59
C VAL A 153 7.00 13.29 -8.55
N ASP A 154 7.18 14.61 -8.51
CA ASP A 154 6.04 15.53 -8.31
C ASP A 154 5.03 15.51 -9.45
N TYR A 155 3.87 16.10 -9.21
CA TYR A 155 2.77 16.06 -10.16
C TYR A 155 3.17 16.60 -11.54
N ALA A 156 3.86 17.74 -11.54
CA ALA A 156 4.30 18.37 -12.79
C ALA A 156 5.10 17.43 -13.67
N ILE A 157 6.07 16.74 -13.07
CA ILE A 157 6.91 15.80 -13.81
C ILE A 157 6.11 14.53 -14.11
N CYS A 158 5.40 14.04 -13.09
CA CYS A 158 4.72 12.75 -13.23
C CYS A 158 3.62 12.75 -14.29
N SER A 159 2.96 13.89 -14.46
CA SER A 159 1.86 14.03 -15.40
C SER A 159 2.35 14.55 -16.76
N SER A 160 3.66 14.71 -16.91
CA SER A 160 4.27 15.11 -18.20
C SER A 160 4.19 13.96 -19.21
N SER A 161 4.36 14.26 -20.49
CA SER A 161 4.04 13.26 -21.53
C SER A 161 4.92 12.01 -21.54
N SER A 162 6.20 12.16 -21.20
CA SER A 162 7.13 11.02 -21.19
C SER A 162 6.98 10.16 -19.92
N TYR A 163 6.33 10.71 -18.91
CA TYR A 163 5.98 9.93 -17.72
C TYR A 163 4.59 9.34 -17.88
N TRP A 164 3.65 9.71 -17.01
CA TRP A 164 2.29 9.14 -17.02
C TRP A 164 1.23 9.98 -17.75
N GLY A 165 1.57 11.20 -18.14
CA GLY A 165 0.59 12.08 -18.79
C GLY A 165 -0.68 12.26 -17.97
N SER A 166 -1.81 12.27 -18.67
CA SER A 166 -3.14 12.53 -18.09
C SER A 166 -3.60 11.42 -17.12
N THR A 167 -2.90 10.29 -17.16
CA THR A 167 -3.26 9.13 -16.36
C THR A 167 -3.11 9.42 -14.86
N VAL A 168 -2.07 10.20 -14.51
CA VAL A 168 -1.84 10.59 -13.11
C VAL A 168 -2.65 11.83 -12.74
N LYS A 169 -3.25 11.79 -11.55
CA LYS A 169 -4.05 12.90 -11.03
C LYS A 169 -3.35 13.49 -9.81
N ASN A 170 -3.76 14.69 -9.42
CA ASN A 170 -3.21 15.34 -8.22
C ASN A 170 -3.57 14.63 -6.92
N SER A 171 -4.55 13.72 -7.00
CA SER A 171 -4.97 12.88 -5.86
C SER A 171 -4.05 11.65 -5.73
N MET A 172 -2.97 11.65 -6.50
CA MET A 172 -2.00 10.54 -6.44
C MET A 172 -0.60 11.03 -6.10
N VAL A 173 0.21 10.10 -5.63
CA VAL A 173 1.66 10.32 -5.45
C VAL A 173 2.39 9.35 -6.40
N CYS A 174 3.37 9.86 -7.14
CA CYS A 174 4.27 9.02 -7.93
C CYS A 174 5.58 8.88 -7.17
N ALA A 175 6.21 7.72 -7.27
CA ALA A 175 7.54 7.56 -6.68
C ALA A 175 8.33 6.53 -7.47
N GLY A 176 9.63 6.78 -7.61
CA GLY A 176 10.51 5.84 -8.30
C GLY A 176 10.66 6.19 -9.78
N GLY A 177 10.41 5.18 -10.63
CA GLY A 177 10.58 5.34 -12.08
C GLY A 177 12.01 5.21 -12.59
N ASP A 178 12.92 4.65 -11.79
CA ASP A 178 14.32 4.55 -12.22
C ASP A 178 14.64 3.36 -13.14
N GLY A 179 13.64 2.50 -13.35
CA GLY A 179 13.78 1.30 -14.20
C GLY A 179 14.39 0.09 -13.49
N VAL A 180 14.70 0.25 -12.20
CA VAL A 180 15.36 -0.79 -11.41
C VAL A 180 14.46 -1.21 -10.24
N ARG A 181 13.91 -0.21 -9.54
CA ARG A 181 13.14 -0.44 -8.33
C ARG A 181 11.71 0.03 -8.51
N SER A 182 10.78 -0.74 -7.95
CA SER A 182 9.36 -0.46 -8.19
C SER A 182 8.50 -1.29 -7.28
N GLY A 183 7.24 -0.87 -7.14
CA GLY A 183 6.20 -1.81 -6.67
C GLY A 183 5.87 -2.79 -7.78
N CYS A 184 5.17 -3.86 -7.42
CA CYS A 184 4.78 -4.84 -8.43
C CYS A 184 3.59 -5.62 -7.89
N GLN A 185 2.96 -6.44 -8.71
CA GLN A 185 1.76 -7.18 -8.30
C GLN A 185 1.88 -7.77 -6.89
N GLY A 186 0.91 -7.48 -6.03
CA GLY A 186 0.94 -7.97 -4.66
C GLY A 186 1.39 -6.93 -3.64
N ASP A 187 1.98 -5.83 -4.14
CA ASP A 187 2.31 -4.68 -3.29
C ASP A 187 1.13 -3.73 -3.15
N SER A 188 0.20 -3.80 -4.12
CA SER A 188 -0.99 -2.95 -4.14
C SER A 188 -1.66 -2.91 -2.80
N GLY A 189 -2.15 -1.74 -2.41
CA GLY A 189 -2.83 -1.57 -1.13
C GLY A 189 -1.89 -1.25 0.02
N GLY A 190 -0.62 -1.60 -0.15
CA GLY A 190 0.38 -1.32 0.88
C GLY A 190 0.82 0.13 0.95
N PRO A 191 1.71 0.43 1.90
CA PRO A 191 2.19 1.79 2.15
C PRO A 191 3.35 2.26 1.26
N LEU A 192 3.38 3.58 1.04
CA LEU A 192 4.59 4.30 0.74
C LEU A 192 4.90 5.13 2.00
N HIS A 193 6.03 4.82 2.65
CA HIS A 193 6.44 5.51 3.88
C HIS A 193 7.42 6.64 3.52
N CYS A 194 7.12 7.87 3.92
CA CYS A 194 8.01 8.99 3.57
C CYS A 194 8.45 9.71 4.82
N LEU A 195 9.74 10.05 4.86
CA LEU A 195 10.33 10.70 6.03
C LEU A 195 10.09 12.20 5.94
N VAL A 196 9.33 12.73 6.90
CA VAL A 196 8.99 14.15 6.98
C VAL A 196 9.18 14.64 8.42
N ASN A 197 10.01 15.68 8.58
CA ASN A 197 10.34 16.21 9.92
C ASN A 197 10.78 15.14 10.93
N GLY A 198 11.63 14.24 10.44
CA GLY A 198 12.22 13.20 11.26
C GLY A 198 11.36 11.96 11.50
N GLN A 199 10.11 11.98 11.03
CA GLN A 199 9.16 10.90 11.31
C GLN A 199 8.65 10.31 9.98
N TYR A 200 8.59 9.00 9.87
CA TYR A 200 7.96 8.35 8.70
C TYR A 200 6.44 8.42 8.83
N ALA A 201 5.78 8.78 7.73
CA ALA A 201 4.34 8.70 7.66
C ALA A 201 3.95 8.00 6.37
N VAL A 202 2.76 7.43 6.35
CA VAL A 202 2.29 6.70 5.18
C VAL A 202 1.59 7.69 4.24
N HIS A 203 2.33 8.11 3.19
CA HIS A 203 1.82 9.09 2.23
C HIS A 203 1.08 8.49 1.06
N GLY A 204 1.30 7.20 0.81
CA GLY A 204 0.69 6.56 -0.35
C GLY A 204 0.11 5.20 -0.04
N VAL A 205 -0.93 4.84 -0.81
CA VAL A 205 -1.46 3.48 -0.87
C VAL A 205 -1.19 2.97 -2.29
N THR A 206 -0.39 1.90 -2.42
CA THR A 206 0.04 1.43 -3.74
C THR A 206 -1.15 1.11 -4.62
N SER A 207 -1.19 1.76 -5.80
CA SER A 207 -2.34 1.61 -6.70
C SER A 207 -2.07 0.93 -8.03
N PHE A 208 -1.10 1.46 -8.79
CA PHE A 208 -0.80 0.87 -10.10
C PHE A 208 0.60 1.12 -10.60
N VAL A 209 0.98 0.29 -11.58
CA VAL A 209 2.20 0.46 -12.32
C VAL A 209 1.85 0.28 -13.82
N SER A 210 2.85 0.39 -14.67
CA SER A 210 2.62 0.28 -16.12
C SER A 210 2.10 -1.11 -16.50
N ARG A 211 1.22 -1.18 -17.49
CA ARG A 211 0.87 -2.47 -18.11
C ARG A 211 2.08 -3.16 -18.76
N LEU A 212 3.08 -2.35 -19.13
CA LEU A 212 4.30 -2.85 -19.74
C LEU A 212 5.22 -3.60 -18.77
N GLY A 213 5.15 -3.25 -17.49
CA GLY A 213 5.99 -3.91 -16.51
C GLY A 213 6.06 -3.10 -15.23
N CYS A 214 6.66 -3.68 -14.21
CA CYS A 214 6.75 -3.03 -12.91
C CYS A 214 7.83 -1.94 -12.91
N ASN A 215 9.08 -2.35 -13.11
CA ASN A 215 10.21 -1.42 -13.12
C ASN A 215 10.48 -0.88 -14.52
N VAL A 216 9.71 0.11 -14.93
CA VAL A 216 9.83 0.71 -16.27
C VAL A 216 10.28 2.15 -16.08
N THR A 217 11.35 2.53 -16.78
CA THR A 217 11.91 3.88 -16.64
C THR A 217 10.85 4.92 -17.03
N ARG A 218 10.70 5.94 -16.20
CA ARG A 218 9.72 7.02 -16.37
C ARG A 218 8.27 6.54 -16.25
N LYS A 219 8.10 5.35 -15.65
CA LYS A 219 6.77 4.93 -15.21
C LYS A 219 6.85 4.61 -13.72
N PRO A 220 6.96 5.67 -12.89
CA PRO A 220 7.06 5.45 -11.45
C PRO A 220 5.82 4.76 -10.92
N THR A 221 5.97 4.07 -9.79
CA THR A 221 4.84 3.47 -9.14
C THR A 221 3.87 4.57 -8.71
N VAL A 222 2.58 4.31 -8.88
CA VAL A 222 1.59 5.31 -8.55
C VAL A 222 0.78 4.87 -7.33
N PHE A 223 0.59 5.83 -6.42
CA PHE A 223 -0.08 5.60 -5.14
C PHE A 223 -1.23 6.57 -4.97
N THR A 224 -2.28 6.10 -4.31
CA THR A 224 -3.34 7.01 -3.84
C THR A 224 -2.72 7.96 -2.81
N ARG A 225 -2.98 9.26 -2.94
CA ARG A 225 -2.39 10.22 -2.01
C ARG A 225 -3.17 10.25 -0.71
N VAL A 226 -2.61 9.65 0.34
CA VAL A 226 -3.33 9.54 1.60
C VAL A 226 -3.84 10.89 2.11
N SER A 227 -3.01 11.93 1.97
CA SER A 227 -3.35 13.25 2.53
C SER A 227 -4.56 13.91 1.85
N ALA A 228 -4.98 13.37 0.70
CA ALA A 228 -6.19 13.80 0.01
C ALA A 228 -7.48 13.21 0.63
N TYR A 229 -7.31 12.19 1.48
CA TYR A 229 -8.44 11.39 1.98
C TYR A 229 -8.65 11.43 3.50
N ILE A 230 -7.95 12.33 4.19
CA ILE A 230 -8.00 12.35 5.65
C ILE A 230 -9.43 12.49 6.19
N SER A 231 -10.18 13.45 5.65
CA SER A 231 -11.58 13.64 6.10
C SER A 231 -12.45 12.43 5.80
N TRP A 232 -12.28 11.84 4.62
CA TRP A 232 -13.02 10.64 4.25
C TRP A 232 -12.74 9.51 5.24
N ILE A 233 -11.46 9.24 5.48
CA ILE A 233 -11.04 8.22 6.47
C ILE A 233 -11.69 8.46 7.84
N ASN A 234 -11.56 9.68 8.35
CA ASN A 234 -12.11 10.02 9.66
C ASN A 234 -13.63 9.85 9.70
N ASN A 235 -14.28 10.25 8.62
CA ASN A 235 -15.74 10.10 8.47
C ASN A 235 -16.19 8.65 8.49
N VAL A 236 -15.45 7.78 7.80
CA VAL A 236 -15.79 6.37 7.79
C VAL A 236 -15.62 5.75 9.17
N ILE A 237 -14.49 6.03 9.80
CA ILE A 237 -14.19 5.43 11.11
C ILE A 237 -15.21 5.90 12.15
N ALA A 238 -15.61 7.17 12.08
CA ALA A 238 -16.57 7.76 13.02
C ALA A 238 -18.00 7.24 12.86
N SER A 239 -18.37 6.84 11.63
CA SER A 239 -19.72 6.35 11.37
C SER A 239 -19.83 4.82 11.40
N ASN A 240 -18.72 4.15 11.66
CA ASN A 240 -18.67 2.68 11.64
C ASN A 240 -18.06 2.11 12.93
O02 J54 B . -0.16 -4.77 -6.81
C06 J54 B . -0.86 -3.95 -7.26
C05 J54 B . -0.54 -3.52 -8.68
O18 J54 B . -1.61 -3.17 -9.48
C04 J54 B . 0.37 -4.32 -9.51
N02 J54 B . 0.26 -4.05 -10.91
C03 J54 B . 1.16 -4.65 -11.72
O01 J54 B . 2.01 -5.30 -11.26
N01 J54 B . 1.10 -4.54 -13.03
C02 J54 B . 2.15 -4.84 -14.01
C01 J54 B . 1.97 -6.15 -14.75
CE1 J54 B . 0.92 -6.98 -14.45
CD1 J54 B . 0.72 -8.19 -15.15
CG J54 B . 1.63 -8.52 -16.15
CD2 J54 B . 2.69 -7.71 -16.43
CE2 J54 B . 2.87 -6.53 -15.75
NA NA C . 4.98 -15.64 8.97
S SO4 D . -6.08 18.09 -1.00
O1 SO4 D . -6.10 17.74 -2.41
O2 SO4 D . -5.28 17.14 -0.20
O3 SO4 D . -5.57 19.45 -0.85
O4 SO4 D . -7.46 18.04 -0.48
C1 GOL E . -3.67 3.00 -15.84
O1 GOL E . -4.71 3.50 -16.65
C2 GOL E . -3.18 1.66 -16.40
O2 GOL E . -2.54 1.88 -17.65
C3 GOL E . -2.21 1.05 -15.40
O3 GOL E . -1.64 -0.13 -15.92
C1 GOL F . 0.21 -11.34 -6.46
O1 GOL F . -0.75 -11.61 -5.52
C2 GOL F . 0.45 -12.48 -7.40
O2 GOL F . -0.44 -12.34 -8.46
C3 GOL F . 0.25 -13.77 -6.65
O3 GOL F . 1.20 -14.72 -7.02
#